data_6BG5
#
_entry.id   6BG5
#
_cell.length_a   34.944
_cell.length_b   96.763
_cell.length_c   59.279
_cell.angle_alpha   90.000
_cell.angle_beta   105.610
_cell.angle_gamma   90.000
#
_symmetry.space_group_name_H-M   'P 1 21 1'
#
loop_
_entity.id
_entity.type
_entity.pdbx_description
1 polymer 'Endolysin, DCN1-like protein 1 chimera'
2 non-polymer "N-[(2H-1,3-benzodioxol-5-yl)methyl]-N-(1-propylpiperidin-4-yl)-N'-[3-(trifluoromethyl)phenyl]urea"
3 water water
#
_entity_poly.entity_id   1
_entity_poly.type   'polypeptide(L)'
_entity_poly.pdbx_seq_one_letter_code
;MGSSHHHHHHSQDLENLYFQGSMNIFEMLRIDEGLRLKIYKDTEGYYTIGIGHLLTKSPSLNAAKSELDKAIGRNTNGVI
TKDEAEKLFNQDVDAAVRGILRNAKLKPVYDSLDAVRRAALINMVFQMGETGVAGFTNSLRMLQQKRWDEAAVNLAKSRW
YNQTPNRTKRVITTFRTGTWDAYKNLRKKLEQLYNRYKDPQDENKIGIDGIQQFCDDLALDPASISVLIIAWKFRAATQC
EFSKQEFMDGMTELGCDSIEKLKAQIPKMEQELKEPGRFKDFYQFTFNFAKNPGQKGLDLEMAIAYWNLVLNGRFKFLDL
WNKFLLEHHKRSIPKDTWNLLLDFSTMIADDMSNYDEEGAWPVLIDDFVEFARPQIAGTKSTTV
;
_entity_poly.pdbx_strand_id   A
#
# COMPACT_ATOMS: atom_id res chain seq x y z
N HIS A 10 29.70 -11.26 3.37
CA HIS A 10 29.43 -12.27 2.33
C HIS A 10 28.41 -13.33 2.79
N SER A 11 28.21 -13.48 4.10
CA SER A 11 27.28 -14.50 4.60
C SER A 11 25.86 -14.34 4.01
N GLN A 12 25.44 -13.10 3.84
CA GLN A 12 24.08 -12.82 3.38
C GLN A 12 23.95 -12.70 1.87
N ASP A 13 25.04 -12.85 1.14
CA ASP A 13 25.01 -12.67 -0.31
C ASP A 13 23.96 -13.58 -0.93
N LEU A 14 23.13 -13.02 -1.81
CA LEU A 14 22.06 -13.81 -2.42
C LEU A 14 22.63 -14.90 -3.34
N GLU A 15 23.86 -14.71 -3.82
CA GLU A 15 24.55 -15.72 -4.59
C GLU A 15 24.66 -17.04 -3.84
N ASN A 16 24.69 -16.98 -2.51
CA ASN A 16 24.69 -18.20 -1.69
C ASN A 16 23.41 -19.01 -1.79
N LEU A 17 22.37 -18.44 -2.39
CA LEU A 17 21.08 -19.09 -2.52
C LEU A 17 20.80 -19.48 -3.98
N TYR A 18 21.78 -19.33 -4.87
CA TYR A 18 21.54 -19.59 -6.28
C TYR A 18 21.24 -21.05 -6.60
N PHE A 19 21.58 -21.95 -5.68
CA PHE A 19 21.27 -23.37 -5.82
C PHE A 19 19.80 -23.66 -5.55
N GLN A 20 19.09 -22.73 -4.92
CA GLN A 20 17.65 -22.91 -4.64
C GLN A 20 16.85 -22.70 -5.91
N GLY A 21 15.53 -22.85 -5.85
CA GLY A 21 14.70 -22.40 -6.96
C GLY A 21 14.60 -20.88 -6.99
N SER A 22 14.12 -20.33 -8.12
CA SER A 22 13.86 -18.90 -8.20
C SER A 22 12.63 -18.50 -7.37
N MET A 23 11.69 -19.43 -7.19
CA MET A 23 10.60 -19.19 -6.28
C MET A 23 11.09 -19.59 -4.90
N ASN A 24 10.80 -18.75 -3.93
CA ASN A 24 11.25 -18.96 -2.58
C ASN A 24 10.34 -18.20 -1.63
N ILE A 25 10.64 -18.28 -0.34
CA ILE A 25 9.80 -17.65 0.65
C ILE A 25 9.71 -16.15 0.46
N PHE A 26 10.79 -15.48 0.06
CA PHE A 26 10.74 -14.05 -0.19
C PHE A 26 9.74 -13.70 -1.30
N GLU A 27 9.84 -14.40 -2.42
CA GLU A 27 8.95 -14.16 -3.55
C GLU A 27 7.51 -14.51 -3.18
N MET A 28 7.32 -15.51 -2.33
CA MET A 28 6.03 -15.91 -1.84
C MET A 28 5.40 -14.77 -1.02
N LEU A 29 6.17 -14.22 -0.08
CA LEU A 29 5.65 -13.13 0.76
C LEU A 29 5.56 -11.82 -0.04
N ARG A 30 6.37 -11.65 -1.07
CA ARG A 30 6.21 -10.49 -1.95
C ARG A 30 4.79 -10.50 -2.58
N ILE A 31 4.29 -11.67 -2.92
CA ILE A 31 2.95 -11.85 -3.48
C ILE A 31 1.87 -11.76 -2.41
N ASP A 32 2.12 -12.30 -1.22
CA ASP A 32 1.08 -12.44 -0.21
C ASP A 32 0.96 -11.25 0.72
N GLU A 33 2.08 -10.57 0.99
CA GLU A 33 2.11 -9.42 1.89
CA GLU A 33 2.08 -9.42 1.88
C GLU A 33 2.46 -8.14 1.15
N GLY A 34 3.43 -8.20 0.25
CA GLY A 34 3.85 -7.05 -0.52
C GLY A 34 5.22 -6.59 -0.07
N LEU A 35 5.88 -5.87 -0.95
CA LEU A 35 7.23 -5.39 -0.77
C LEU A 35 7.22 -3.86 -0.88
N ARG A 36 7.83 -3.20 0.10
CA ARG A 36 7.96 -1.74 0.11
C ARG A 36 9.43 -1.39 0.14
N LEU A 37 9.85 -0.53 -0.79
CA LEU A 37 11.25 -0.21 -0.92
C LEU A 37 11.63 1.12 -0.28
N LYS A 38 10.66 1.82 0.30
CA LYS A 38 10.90 3.08 1.00
C LYS A 38 10.35 2.94 2.40
N ILE A 39 11.04 3.55 3.36
CA ILE A 39 10.55 3.54 4.72
C ILE A 39 9.12 4.05 4.76
N TYR A 40 8.28 3.36 5.52
CA TYR A 40 6.91 3.79 5.71
C TYR A 40 6.50 3.48 7.14
N LYS A 41 5.38 4.04 7.59
CA LYS A 41 4.85 3.74 8.91
C LYS A 41 3.80 2.66 8.80
N ASP A 42 3.93 1.61 9.62
CA ASP A 42 2.97 0.51 9.64
C ASP A 42 1.67 0.93 10.33
N THR A 43 0.81 -0.07 10.56
CA THR A 43 -0.47 0.13 11.24
C THR A 43 -0.30 0.93 12.52
N GLU A 44 0.68 0.53 13.32
CA GLU A 44 0.87 1.05 14.66
C GLU A 44 1.76 2.29 14.66
N GLY A 45 2.06 2.80 13.46
CA GLY A 45 2.81 4.03 13.32
C GLY A 45 4.33 3.88 13.31
N TYR A 46 4.82 2.64 13.24
CA TYR A 46 6.26 2.40 13.36
C TYR A 46 6.95 2.28 12.00
N TYR A 47 8.16 2.82 11.93
CA TYR A 47 8.96 2.79 10.71
C TYR A 47 9.36 1.38 10.34
N THR A 48 9.06 1.04 9.09
CA THR A 48 9.13 -0.31 8.55
C THR A 48 9.64 -0.21 7.12
N ILE A 49 10.23 -1.29 6.61
CA ILE A 49 10.62 -1.32 5.20
C ILE A 49 10.63 -2.77 4.73
N GLY A 50 10.76 -2.96 3.44
CA GLY A 50 10.89 -4.30 2.89
C GLY A 50 9.59 -5.06 2.97
N ILE A 51 9.65 -6.31 3.42
CA ILE A 51 8.46 -7.11 3.70
C ILE A 51 8.30 -7.12 5.22
N GLY A 52 7.62 -6.10 5.72
CA GLY A 52 7.27 -6.04 7.12
C GLY A 52 8.45 -5.99 8.07
N HIS A 53 9.59 -5.45 7.65
CA HIS A 53 10.75 -5.41 8.54
C HIS A 53 10.73 -4.13 9.38
N LEU A 54 10.44 -4.31 10.66
CA LEU A 54 10.39 -3.18 11.57
C LEU A 54 11.81 -2.65 11.78
N LEU A 55 11.97 -1.33 11.65
CA LEU A 55 13.28 -0.69 11.83
C LEU A 55 13.51 -0.18 13.23
N THR A 56 12.47 0.34 13.87
CA THR A 56 12.57 0.97 15.19
C THR A 56 11.19 1.41 15.61
N LYS A 57 10.96 1.58 16.91
CA LYS A 57 9.73 2.16 17.44
C LYS A 57 9.89 3.65 17.70
N SER A 58 11.09 4.17 17.45
CA SER A 58 11.36 5.59 17.61
C SER A 58 10.47 6.42 16.70
N PRO A 59 10.02 7.61 17.18
CA PRO A 59 9.26 8.49 16.30
C PRO A 59 10.14 9.20 15.29
N SER A 60 11.45 9.07 15.44
CA SER A 60 12.40 9.77 14.59
C SER A 60 12.72 9.03 13.30
N LEU A 61 12.36 9.64 12.18
CA LEU A 61 12.68 9.05 10.89
C LEU A 61 14.19 8.94 10.73
N ASN A 62 14.90 9.91 11.28
CA ASN A 62 16.35 9.88 11.20
C ASN A 62 16.88 8.66 11.94
N ALA A 63 16.25 8.32 13.05
CA ALA A 63 16.62 7.13 13.80
C ALA A 63 16.40 5.89 12.94
N ALA A 64 15.25 5.81 12.31
CA ALA A 64 14.93 4.70 11.41
C ALA A 64 15.94 4.57 10.28
N LYS A 65 16.36 5.71 9.71
CA LYS A 65 17.33 5.70 8.63
C LYS A 65 18.68 5.23 9.10
N SER A 66 19.04 5.60 10.33
CA SER A 66 20.29 5.16 10.94
CA SER A 66 20.28 5.16 10.92
C SER A 66 20.32 3.64 11.04
N GLU A 67 19.21 3.07 11.51
CA GLU A 67 19.12 1.62 11.67
C GLU A 67 19.21 0.94 10.31
N LEU A 68 18.53 1.52 9.33
CA LEU A 68 18.52 0.96 7.99
C LEU A 68 19.91 1.02 7.35
N ASP A 69 20.57 2.18 7.47
CA ASP A 69 21.90 2.35 6.89
C ASP A 69 22.87 1.38 7.54
N LYS A 70 22.72 1.18 8.84
CA LYS A 70 23.52 0.24 9.60
C LYS A 70 23.31 -1.16 9.00
N ALA A 71 22.05 -1.51 8.76
CA ALA A 71 21.74 -2.88 8.30
C ALA A 71 22.15 -3.14 6.85
N ILE A 72 22.05 -2.13 5.99
CA ILE A 72 22.32 -2.32 4.56
C ILE A 72 23.80 -2.08 4.24
N GLY A 73 24.44 -1.20 5.00
CA GLY A 73 25.85 -0.92 4.82
C GLY A 73 26.15 0.24 3.88
N ARG A 74 25.21 1.16 3.74
CA ARG A 74 25.42 2.35 2.91
C ARG A 74 24.40 3.40 3.32
N ASN A 75 24.60 4.62 2.81
CA ASN A 75 23.64 5.69 3.03
C ASN A 75 22.48 5.49 2.08
N THR A 76 21.38 4.95 2.61
CA THR A 76 20.23 4.60 1.80
C THR A 76 19.24 5.72 1.60
N ASN A 77 19.30 6.72 2.47
CA ASN A 77 18.30 7.76 2.47
C ASN A 77 16.89 7.20 2.58
N GLY A 78 16.77 6.01 3.18
CA GLY A 78 15.47 5.41 3.38
C GLY A 78 14.91 4.70 2.17
N VAL A 79 15.73 4.40 1.17
CA VAL A 79 15.29 3.71 -0.05
C VAL A 79 16.24 2.55 -0.28
N ILE A 80 15.67 1.35 -0.49
CA ILE A 80 16.48 0.17 -0.76
C ILE A 80 16.05 -0.52 -2.03
N THR A 81 16.88 -1.45 -2.49
CA THR A 81 16.56 -2.26 -3.65
C THR A 81 15.85 -3.54 -3.19
N LYS A 82 15.24 -4.20 -4.16
CA LYS A 82 14.59 -5.45 -3.88
CA LYS A 82 14.60 -5.46 -3.90
C LYS A 82 15.59 -6.48 -3.29
N ASP A 83 16.80 -6.57 -3.85
CA ASP A 83 17.77 -7.51 -3.29
C ASP A 83 18.14 -7.18 -1.84
N GLU A 84 18.27 -5.90 -1.51
CA GLU A 84 18.50 -5.49 -0.15
C GLU A 84 17.33 -5.86 0.76
N ALA A 85 16.12 -5.71 0.28
CA ALA A 85 14.95 -6.13 1.04
C ALA A 85 14.98 -7.65 1.26
N GLU A 86 15.45 -8.41 0.28
CA GLU A 86 15.52 -9.85 0.43
C GLU A 86 16.53 -10.23 1.50
N LYS A 87 17.65 -9.53 1.57
CA LYS A 87 18.61 -9.79 2.60
C LYS A 87 18.02 -9.56 3.99
N LEU A 88 17.30 -8.45 4.18
CA LEU A 88 16.63 -8.20 5.47
C LEU A 88 15.63 -9.32 5.76
N PHE A 89 14.83 -9.65 4.76
CA PHE A 89 13.80 -10.68 4.93
C PHE A 89 14.40 -12.03 5.29
N ASN A 90 15.50 -12.39 4.65
CA ASN A 90 16.14 -13.66 4.95
C ASN A 90 16.63 -13.74 6.39
N GLN A 91 17.08 -12.63 6.97
CA GLN A 91 17.41 -12.60 8.40
C GLN A 91 16.17 -12.92 9.22
N ASP A 92 15.05 -12.31 8.85
CA ASP A 92 13.82 -12.52 9.55
C ASP A 92 13.34 -13.96 9.42
N VAL A 93 13.48 -14.56 8.25
CA VAL A 93 13.13 -15.95 8.08
C VAL A 93 13.99 -16.85 8.94
N ASP A 94 15.28 -16.58 8.99
CA ASP A 94 16.14 -17.41 9.83
C ASP A 94 15.70 -17.37 11.27
N ALA A 95 15.31 -16.20 11.78
CA ALA A 95 14.82 -16.10 13.15
C ALA A 95 13.50 -16.84 13.32
N ALA A 96 12.60 -16.76 12.34
CA ALA A 96 11.32 -17.48 12.45
C ALA A 96 11.57 -18.98 12.47
N VAL A 97 12.48 -19.46 11.64
CA VAL A 97 12.77 -20.88 11.61
C VAL A 97 13.38 -21.33 12.93
N ARG A 98 14.29 -20.54 13.50
CA ARG A 98 14.83 -20.91 14.80
C ARG A 98 13.74 -21.08 15.83
N GLY A 99 12.78 -20.16 15.82
CA GLY A 99 11.64 -20.26 16.71
C GLY A 99 10.84 -21.52 16.49
N ILE A 100 10.53 -21.81 15.23
CA ILE A 100 9.80 -23.03 14.88
C ILE A 100 10.53 -24.26 15.41
N LEU A 101 11.84 -24.28 15.24
CA LEU A 101 12.65 -25.44 15.57
C LEU A 101 12.80 -25.68 17.06
N ARG A 102 12.45 -24.72 17.90
CA ARG A 102 12.45 -24.94 19.33
C ARG A 102 11.01 -24.95 19.90
N ASN A 103 10.01 -25.04 19.01
CA ASN A 103 8.62 -25.10 19.40
C ASN A 103 8.09 -26.54 19.24
N ALA A 104 7.75 -27.18 20.35
CA ALA A 104 7.37 -28.60 20.33
C ALA A 104 6.12 -28.90 19.50
N LYS A 105 5.29 -27.89 19.30
CA LYS A 105 4.09 -28.03 18.48
C LYS A 105 4.32 -27.84 16.98
N LEU A 106 5.44 -27.24 16.61
CA LEU A 106 5.71 -26.91 15.22
C LEU A 106 6.88 -27.67 14.64
N LYS A 107 7.87 -28.01 15.46
CA LYS A 107 9.04 -28.68 14.95
C LYS A 107 8.70 -30.00 14.21
N PRO A 108 7.85 -30.85 14.81
CA PRO A 108 7.66 -32.15 14.14
C PRO A 108 7.07 -31.99 12.73
N VAL A 109 6.06 -31.14 12.58
CA VAL A 109 5.48 -30.94 11.24
C VAL A 109 6.50 -30.27 10.32
N TYR A 110 7.18 -29.23 10.78
CA TYR A 110 8.19 -28.56 9.96
C TYR A 110 9.25 -29.54 9.47
N ASP A 111 9.79 -30.33 10.38
CA ASP A 111 10.83 -31.29 10.01
C ASP A 111 10.31 -32.27 8.95
N SER A 112 9.05 -32.66 9.05
CA SER A 112 8.48 -33.65 8.15
C SER A 112 8.22 -33.13 6.72
N LEU A 113 8.09 -31.82 6.56
CA LEU A 113 7.71 -31.22 5.30
C LEU A 113 8.89 -31.07 4.34
N ASP A 114 8.57 -31.16 3.06
CA ASP A 114 9.46 -30.81 1.96
C ASP A 114 9.68 -29.28 1.92
N ALA A 115 10.64 -28.84 1.13
CA ALA A 115 11.04 -27.43 1.13
C ALA A 115 9.92 -26.48 0.76
N VAL A 116 9.10 -26.86 -0.21
CA VAL A 116 8.04 -25.97 -0.65
C VAL A 116 6.99 -25.84 0.45
N ARG A 117 6.59 -26.95 1.02
CA ARG A 117 5.61 -26.90 2.09
C ARG A 117 6.17 -26.24 3.36
N ARG A 118 7.47 -26.36 3.63
CA ARG A 118 8.06 -25.60 4.72
C ARG A 118 7.85 -24.10 4.51
N ALA A 119 8.00 -23.63 3.28
CA ALA A 119 7.76 -22.20 2.99
C ALA A 119 6.33 -21.83 3.34
N ALA A 120 5.36 -22.68 2.99
CA ALA A 120 3.96 -22.41 3.34
C ALA A 120 3.77 -22.29 4.86
N LEU A 121 4.43 -23.16 5.63
CA LEU A 121 4.34 -23.07 7.11
C LEU A 121 4.97 -21.78 7.62
N ILE A 122 6.11 -21.41 7.06
CA ILE A 122 6.76 -20.17 7.45
C ILE A 122 5.87 -18.97 7.14
N ASN A 123 5.22 -19.00 5.97
CA ASN A 123 4.27 -17.98 5.59
C ASN A 123 3.20 -17.79 6.67
N MET A 124 2.63 -18.90 7.12
CA MET A 124 1.63 -18.86 8.18
C MET A 124 2.21 -18.22 9.44
N VAL A 125 3.42 -18.61 9.84
CA VAL A 125 4.02 -18.03 11.04
C VAL A 125 4.23 -16.52 10.87
N PHE A 126 4.66 -16.06 9.71
CA PHE A 126 4.74 -14.63 9.51
C PHE A 126 3.39 -13.92 9.68
N GLN A 127 2.32 -14.54 9.19
CA GLN A 127 1.02 -13.90 9.24
C GLN A 127 0.44 -13.92 10.66
N MET A 128 0.59 -15.03 11.38
CA MET A 128 -0.18 -15.21 12.59
C MET A 128 0.63 -15.53 13.83
N GLY A 129 1.94 -15.68 13.71
CA GLY A 129 2.79 -16.03 14.84
C GLY A 129 2.75 -17.50 15.21
N GLU A 130 3.70 -17.92 16.02
CA GLU A 130 3.76 -19.30 16.42
C GLU A 130 2.52 -19.76 17.15
N THR A 131 2.00 -18.94 18.07
CA THR A 131 0.85 -19.37 18.85
C THR A 131 -0.34 -19.58 17.93
N GLY A 132 -0.49 -18.68 16.97
CA GLY A 132 -1.58 -18.79 16.02
C GLY A 132 -1.47 -20.06 15.19
N VAL A 133 -0.30 -20.33 14.65
CA VAL A 133 -0.14 -21.53 13.84
C VAL A 133 -0.29 -22.79 14.68
N ALA A 134 0.25 -22.76 15.89
CA ALA A 134 0.18 -23.93 16.77
C ALA A 134 -1.25 -24.28 17.20
N GLY A 135 -2.19 -23.36 17.01
CA GLY A 135 -3.58 -23.63 17.33
C GLY A 135 -4.23 -24.58 16.33
N PHE A 136 -3.61 -24.74 15.15
CA PHE A 136 -4.15 -25.61 14.10
C PHE A 136 -3.74 -27.08 14.31
N THR A 137 -3.92 -27.60 15.53
CA THR A 137 -3.33 -28.87 15.86
C THR A 137 -3.76 -29.99 14.88
N ASN A 138 -5.06 -30.07 14.60
CA ASN A 138 -5.58 -31.10 13.70
C ASN A 138 -5.00 -31.00 12.29
N SER A 139 -5.00 -29.81 11.73
CA SER A 139 -4.49 -29.64 10.37
C SER A 139 -2.99 -29.91 10.30
N LEU A 140 -2.24 -29.50 11.32
CA LEU A 140 -0.80 -29.75 11.31
C LEU A 140 -0.53 -31.24 11.36
N ARG A 141 -1.31 -31.97 12.15
CA ARG A 141 -1.19 -33.42 12.20
C ARG A 141 -1.47 -34.03 10.82
N MET A 142 -2.50 -33.56 10.14
CA MET A 142 -2.78 -34.03 8.79
C MET A 142 -1.58 -33.78 7.87
N LEU A 143 -1.00 -32.59 7.95
CA LEU A 143 0.18 -32.30 7.14
C LEU A 143 1.33 -33.23 7.49
N GLN A 144 1.54 -33.47 8.77
CA GLN A 144 2.63 -34.34 9.18
C GLN A 144 2.44 -35.77 8.63
N GLN A 145 1.18 -36.17 8.50
CA GLN A 145 0.83 -37.46 7.94
C GLN A 145 0.67 -37.49 6.43
N LYS A 146 0.99 -36.39 5.74
CA LYS A 146 0.87 -36.28 4.29
C LYS A 146 -0.56 -36.40 3.77
N ARG A 147 -1.53 -36.08 4.63
CA ARG A 147 -2.94 -36.08 4.24
C ARG A 147 -3.30 -34.72 3.70
N TRP A 148 -2.75 -34.43 2.52
CA TRP A 148 -2.75 -33.07 2.00
C TRP A 148 -4.15 -32.55 1.70
N ASP A 149 -4.97 -33.37 1.05
CA ASP A 149 -6.29 -32.89 0.65
C ASP A 149 -7.12 -32.61 1.90
N GLU A 150 -7.02 -33.50 2.89
CA GLU A 150 -7.77 -33.32 4.14
C GLU A 150 -7.29 -32.07 4.88
N ALA A 151 -5.98 -31.85 4.90
CA ALA A 151 -5.43 -30.66 5.53
C ALA A 151 -5.99 -29.43 4.84
N ALA A 152 -6.01 -29.45 3.50
CA ALA A 152 -6.51 -28.31 2.75
C ALA A 152 -7.98 -28.00 3.05
N VAL A 153 -8.82 -29.04 3.10
CA VAL A 153 -10.23 -28.88 3.42
C VAL A 153 -10.40 -28.26 4.80
N ASN A 154 -9.63 -28.78 5.74
CA ASN A 154 -9.75 -28.31 7.10
C ASN A 154 -9.29 -26.86 7.29
N LEU A 155 -8.20 -26.50 6.64
CA LEU A 155 -7.68 -25.14 6.78
C LEU A 155 -8.66 -24.14 6.17
N ALA A 156 -9.41 -24.55 5.15
CA ALA A 156 -10.33 -23.64 4.46
C ALA A 156 -11.52 -23.27 5.34
N LYS A 157 -11.76 -24.03 6.41
CA LYS A 157 -12.87 -23.78 7.32
C LYS A 157 -12.54 -22.74 8.37
N SER A 158 -11.30 -22.26 8.40
CA SER A 158 -10.83 -21.46 9.52
C SER A 158 -11.06 -19.97 9.36
N ARG A 159 -10.97 -19.28 10.47
CA ARG A 159 -10.98 -17.83 10.49
C ARG A 159 -9.86 -17.24 9.63
N TRP A 160 -8.68 -17.88 9.65
CA TRP A 160 -7.58 -17.50 8.76
C TRP A 160 -8.06 -17.32 7.31
N TYR A 161 -8.82 -18.31 6.82
CA TYR A 161 -9.33 -18.25 5.46
C TYR A 161 -10.25 -17.02 5.29
N ASN A 162 -11.15 -16.80 6.25
CA ASN A 162 -12.03 -15.66 6.19
C ASN A 162 -11.28 -14.30 6.24
N GLN A 163 -10.19 -14.24 6.99
CA GLN A 163 -9.46 -12.97 7.15
C GLN A 163 -8.73 -12.59 5.85
N THR A 164 -8.10 -13.55 5.20
CA THR A 164 -7.31 -13.29 4.03
C THR A 164 -7.54 -14.38 2.99
N PRO A 165 -8.73 -14.41 2.37
CA PRO A 165 -9.09 -15.61 1.61
C PRO A 165 -8.15 -15.90 0.44
N ASN A 166 -7.67 -14.87 -0.23
CA ASN A 166 -6.86 -15.12 -1.43
C ASN A 166 -5.45 -15.58 -1.07
N ARG A 167 -4.82 -14.96 -0.09
CA ARG A 167 -3.55 -15.46 0.43
C ARG A 167 -3.70 -16.85 0.99
N THR A 168 -4.71 -17.05 1.81
CA THR A 168 -4.92 -18.33 2.44
C THR A 168 -5.13 -19.42 1.39
N LYS A 169 -5.94 -19.14 0.36
CA LYS A 169 -6.11 -20.14 -0.69
C LYS A 169 -4.78 -20.53 -1.34
N ARG A 170 -3.90 -19.55 -1.58
CA ARG A 170 -2.61 -19.87 -2.19
C ARG A 170 -1.76 -20.70 -1.28
N VAL A 171 -1.73 -20.37 0.02
CA VAL A 171 -0.95 -21.14 0.97
C VAL A 171 -1.50 -22.56 1.05
N ILE A 172 -2.82 -22.69 1.12
CA ILE A 172 -3.45 -24.00 1.15
C ILE A 172 -3.11 -24.80 -0.12
N THR A 173 -3.17 -24.19 -1.31
CA THR A 173 -2.82 -24.88 -2.54
C THR A 173 -1.38 -25.40 -2.49
N THR A 174 -0.53 -24.62 -1.85
CA THR A 174 0.87 -24.99 -1.71
C THR A 174 0.99 -26.24 -0.81
N PHE A 175 0.25 -26.29 0.28
CA PHE A 175 0.20 -27.49 1.09
C PHE A 175 -0.42 -28.68 0.32
N ARG A 176 -1.45 -28.42 -0.46
CA ARG A 176 -2.14 -29.51 -1.14
CA ARG A 176 -2.15 -29.48 -1.16
C ARG A 176 -1.22 -30.14 -2.18
N THR A 177 -0.49 -29.30 -2.92
CA THR A 177 0.28 -29.77 -4.06
C THR A 177 1.78 -29.93 -3.88
N GLY A 178 2.37 -29.20 -2.94
CA GLY A 178 3.82 -29.18 -2.84
C GLY A 178 4.52 -28.49 -3.98
N THR A 179 3.79 -27.64 -4.70
CA THR A 179 4.33 -26.90 -5.84
C THR A 179 4.10 -25.42 -5.59
N TRP A 180 4.71 -24.62 -6.46
CA TRP A 180 4.52 -23.17 -6.49
C TRP A 180 3.39 -22.75 -7.43
N ASP A 181 2.56 -23.68 -7.87
CA ASP A 181 1.53 -23.39 -8.87
C ASP A 181 0.67 -22.17 -8.53
N ALA A 182 0.24 -22.04 -7.29
CA ALA A 182 -0.65 -20.95 -6.91
C ALA A 182 0.01 -19.59 -7.16
N TYR A 183 1.31 -19.52 -6.94
CA TYR A 183 2.07 -18.29 -7.08
C TYR A 183 2.41 -18.00 -8.53
N LYS A 184 2.74 -19.05 -9.30
CA LYS A 184 2.88 -18.84 -10.74
C LYS A 184 1.58 -18.35 -11.35
N ASN A 185 0.47 -18.93 -10.92
CA ASN A 185 -0.83 -18.54 -11.45
C ASN A 185 -1.19 -17.10 -11.08
N LEU A 186 -0.95 -16.70 -9.83
CA LEU A 186 -1.21 -15.36 -9.41
C LEU A 186 -0.41 -14.39 -10.25
N ARG A 187 0.89 -14.64 -10.37
CA ARG A 187 1.74 -13.75 -11.12
C ARG A 187 1.21 -13.57 -12.55
N LYS A 188 0.84 -14.69 -13.18
CA LYS A 188 0.36 -14.63 -14.55
C LYS A 188 -0.94 -13.85 -14.67
N LYS A 189 -1.84 -14.04 -13.72
CA LYS A 189 -3.11 -13.33 -13.72
C LYS A 189 -2.87 -11.82 -13.62
N LEU A 190 -1.98 -11.39 -12.73
CA LEU A 190 -1.70 -9.96 -12.61
C LEU A 190 -1.00 -9.42 -13.84
N GLU A 191 -0.08 -10.19 -14.42
CA GLU A 191 0.61 -9.75 -15.61
CA GLU A 191 0.59 -9.75 -15.63
C GLU A 191 -0.39 -9.59 -16.77
N GLN A 192 -1.30 -10.55 -16.93
CA GLN A 192 -2.24 -10.49 -18.02
C GLN A 192 -3.24 -9.34 -17.85
N LEU A 193 -3.65 -9.08 -16.61
CA LEU A 193 -4.51 -7.96 -16.35
C LEU A 193 -3.79 -6.63 -16.61
N TYR A 194 -2.57 -6.49 -16.09
CA TYR A 194 -1.79 -5.30 -16.33
C TYR A 194 -1.64 -5.05 -17.83
N ASN A 195 -1.40 -6.12 -18.59
CA ASN A 195 -1.19 -5.98 -20.03
C ASN A 195 -2.39 -5.41 -20.76
N ARG A 196 -3.57 -5.54 -20.19
CA ARG A 196 -4.76 -4.93 -20.79
C ARG A 196 -4.67 -3.41 -20.79
N TYR A 197 -3.97 -2.86 -19.82
CA TYR A 197 -3.94 -1.40 -19.58
C TYR A 197 -2.65 -0.73 -20.01
N LYS A 198 -1.55 -1.49 -20.12
CA LYS A 198 -0.27 -0.88 -20.30
C LYS A 198 -0.19 -0.04 -21.57
N ASP A 199 0.68 0.96 -21.52
CA ASP A 199 1.00 1.78 -22.68
C ASP A 199 1.73 0.89 -23.70
N PRO A 200 1.21 0.74 -24.92
CA PRO A 200 1.88 -0.09 -25.93
CA PRO A 200 1.91 -0.11 -25.89
C PRO A 200 3.30 0.38 -26.25
N GLN A 201 3.62 1.65 -26.00
CA GLN A 201 4.94 2.20 -26.27
C GLN A 201 5.83 2.27 -25.03
N ASP A 202 5.33 1.84 -23.87
CA ASP A 202 6.12 1.84 -22.66
C ASP A 202 5.54 0.83 -21.67
N GLU A 203 6.08 -0.39 -21.66
CA GLU A 203 5.48 -1.44 -20.87
C GLU A 203 5.60 -1.12 -19.37
N ASN A 204 6.41 -0.14 -18.95
CA ASN A 204 6.56 0.21 -17.54
C ASN A 204 5.39 0.98 -16.95
N LYS A 205 4.45 1.44 -17.77
CA LYS A 205 3.34 2.18 -17.22
C LYS A 205 2.08 2.03 -18.06
N ILE A 206 0.99 2.39 -17.41
CA ILE A 206 -0.31 2.58 -17.99
C ILE A 206 -0.44 4.08 -18.26
N GLY A 207 -0.77 4.43 -19.50
CA GLY A 207 -1.01 5.80 -19.88
C GLY A 207 -2.45 6.22 -19.75
N ILE A 208 -2.77 7.39 -20.29
CA ILE A 208 -4.11 7.94 -20.15
C ILE A 208 -5.17 7.00 -20.74
N ASP A 209 -4.90 6.42 -21.89
CA ASP A 209 -5.89 5.54 -22.51
CA ASP A 209 -5.83 5.51 -22.52
C ASP A 209 -6.14 4.31 -21.63
N GLY A 210 -5.10 3.77 -21.04
CA GLY A 210 -5.24 2.61 -20.16
C GLY A 210 -5.93 2.96 -18.85
N ILE A 211 -5.67 4.15 -18.32
CA ILE A 211 -6.37 4.55 -17.13
C ILE A 211 -7.86 4.67 -17.43
N GLN A 212 -8.21 5.25 -18.57
CA GLN A 212 -9.61 5.31 -18.97
C GLN A 212 -10.22 3.93 -19.07
N GLN A 213 -9.50 2.98 -19.65
CA GLN A 213 -10.02 1.62 -19.75
C GLN A 213 -10.24 0.98 -18.38
N PHE A 214 -9.29 1.21 -17.48
CA PHE A 214 -9.40 0.74 -16.10
C PHE A 214 -10.65 1.28 -15.42
N CYS A 215 -10.88 2.60 -15.55
CA CYS A 215 -12.09 3.22 -15.01
C CYS A 215 -13.35 2.62 -15.64
N ASP A 216 -13.34 2.46 -16.95
CA ASP A 216 -14.49 1.88 -17.64
C ASP A 216 -14.75 0.47 -17.12
N ASP A 217 -13.70 -0.33 -16.95
CA ASP A 217 -13.87 -1.69 -16.45
C ASP A 217 -14.44 -1.73 -15.05
N LEU A 218 -14.13 -0.71 -14.26
CA LEU A 218 -14.65 -0.54 -12.91
C LEU A 218 -15.99 0.20 -12.86
N ALA A 219 -16.53 0.55 -14.03
CA ALA A 219 -17.79 1.26 -14.13
C ALA A 219 -17.77 2.54 -13.30
N LEU A 220 -16.68 3.30 -13.40
CA LEU A 220 -16.53 4.56 -12.71
C LEU A 220 -16.24 5.67 -13.70
N ASP A 221 -16.84 6.83 -13.47
CA ASP A 221 -16.51 8.04 -14.20
C ASP A 221 -15.11 8.47 -13.74
N PRO A 222 -14.17 8.71 -14.67
CA PRO A 222 -12.82 9.14 -14.26
C PRO A 222 -12.84 10.41 -13.41
N ALA A 223 -13.88 11.23 -13.51
CA ALA A 223 -14.03 12.46 -12.72
C ALA A 223 -14.55 12.23 -11.30
N SER A 224 -14.90 11.00 -10.96
CA SER A 224 -15.48 10.75 -9.64
CA SER A 224 -15.48 10.68 -9.65
C SER A 224 -14.44 10.77 -8.53
N ILE A 225 -14.87 11.09 -7.34
CA ILE A 225 -13.96 11.04 -6.20
C ILE A 225 -13.48 9.60 -5.98
N SER A 226 -14.28 8.61 -6.37
CA SER A 226 -13.83 7.23 -6.19
C SER A 226 -12.52 6.93 -6.92
N VAL A 227 -12.34 7.52 -8.09
CA VAL A 227 -11.11 7.30 -8.85
C VAL A 227 -9.90 7.92 -8.13
N LEU A 228 -10.08 9.09 -7.52
CA LEU A 228 -8.99 9.66 -6.74
C LEU A 228 -8.71 8.80 -5.49
N ILE A 229 -9.75 8.25 -4.85
CA ILE A 229 -9.57 7.35 -3.75
C ILE A 229 -8.77 6.12 -4.15
N ILE A 230 -9.05 5.56 -5.33
CA ILE A 230 -8.28 4.44 -5.84
C ILE A 230 -6.82 4.85 -6.03
N ALA A 231 -6.56 6.01 -6.64
CA ALA A 231 -5.18 6.46 -6.83
C ALA A 231 -4.46 6.57 -5.48
N TRP A 232 -5.14 7.09 -4.48
CA TRP A 232 -4.60 7.17 -3.13
C TRP A 232 -4.24 5.80 -2.58
N LYS A 233 -5.13 4.83 -2.70
CA LYS A 233 -4.85 3.49 -2.22
C LYS A 233 -3.70 2.83 -2.94
N PHE A 234 -3.57 3.12 -4.23
CA PHE A 234 -2.44 2.64 -5.01
C PHE A 234 -1.18 3.51 -4.85
N ARG A 235 -1.26 4.55 -4.03
CA ARG A 235 -0.13 5.45 -3.78
C ARG A 235 0.47 5.96 -5.08
N ALA A 236 -0.38 6.30 -6.04
CA ALA A 236 0.09 6.71 -7.34
C ALA A 236 0.89 8.00 -7.23
N ALA A 237 2.02 8.05 -7.93
CA ALA A 237 2.91 9.21 -7.88
C ALA A 237 2.33 10.42 -8.60
N THR A 238 1.65 10.19 -9.72
CA THR A 238 1.24 11.28 -10.57
C THR A 238 0.01 10.94 -11.36
N GLN A 239 -0.78 11.96 -11.67
CA GLN A 239 -2.06 11.75 -12.35
C GLN A 239 -1.87 11.30 -13.80
N CYS A 240 -0.72 11.57 -14.38
CA CYS A 240 -0.56 11.36 -15.81
CA CYS A 240 -0.49 11.38 -15.81
C CYS A 240 -0.24 9.92 -16.21
N GLU A 241 0.09 9.06 -15.26
CA GLU A 241 0.40 7.68 -15.58
C GLU A 241 0.18 6.84 -14.34
N PHE A 242 0.17 5.53 -14.54
CA PHE A 242 -0.09 4.56 -13.46
C PHE A 242 0.97 3.48 -13.67
N SER A 243 2.01 3.45 -12.85
CA SER A 243 3.14 2.61 -13.15
C SER A 243 2.86 1.14 -12.90
N LYS A 244 3.63 0.28 -13.56
CA LYS A 244 3.52 -1.15 -13.33
C LYS A 244 3.72 -1.48 -11.84
N GLN A 245 4.74 -0.87 -11.24
CA GLN A 245 5.00 -1.12 -9.82
C GLN A 245 3.82 -0.69 -8.95
N GLU A 246 3.25 0.47 -9.24
CA GLU A 246 2.05 0.91 -8.51
C GLU A 246 0.92 -0.09 -8.64
N PHE A 247 0.66 -0.52 -9.87
CA PHE A 247 -0.43 -1.45 -10.14
C PHE A 247 -0.23 -2.76 -9.38
N MET A 248 0.97 -3.33 -9.49
CA MET A 248 1.24 -4.60 -8.81
C MET A 248 1.20 -4.46 -7.29
N ASP A 249 1.81 -3.40 -6.76
CA ASP A 249 1.83 -3.21 -5.31
C ASP A 249 0.43 -2.99 -4.77
N GLY A 250 -0.39 -2.22 -5.47
CA GLY A 250 -1.72 -1.96 -5.00
C GLY A 250 -2.58 -3.20 -5.06
N MET A 251 -2.56 -3.94 -6.16
CA MET A 251 -3.35 -5.15 -6.23
C MET A 251 -2.95 -6.12 -5.11
N THR A 252 -1.66 -6.18 -4.81
CA THR A 252 -1.15 -7.02 -3.73
C THR A 252 -1.66 -6.55 -2.38
N GLU A 253 -1.52 -5.27 -2.09
CA GLU A 253 -1.93 -4.76 -0.80
C GLU A 253 -3.42 -4.86 -0.60
N LEU A 254 -4.18 -4.77 -1.68
CA LEU A 254 -5.62 -4.82 -1.60
C LEU A 254 -6.15 -6.24 -1.67
N GLY A 255 -5.27 -7.23 -1.87
CA GLY A 255 -5.68 -8.61 -1.90
C GLY A 255 -6.53 -8.96 -3.11
N CYS A 256 -6.25 -8.34 -4.26
CA CYS A 256 -7.07 -8.50 -5.45
C CYS A 256 -6.26 -9.01 -6.63
N ASP A 257 -6.80 -10.01 -7.34
CA ASP A 257 -6.16 -10.53 -8.55
C ASP A 257 -7.09 -10.45 -9.76
N SER A 258 -8.15 -9.66 -9.63
CA SER A 258 -9.11 -9.47 -10.72
C SER A 258 -9.80 -8.14 -10.59
N ILE A 259 -10.40 -7.68 -11.68
CA ILE A 259 -11.19 -6.46 -11.66
C ILE A 259 -12.41 -6.62 -10.77
N GLU A 260 -13.06 -7.78 -10.79
CA GLU A 260 -14.24 -7.97 -9.94
C GLU A 260 -13.87 -7.80 -8.48
N LYS A 261 -12.74 -8.36 -8.09
CA LYS A 261 -12.32 -8.23 -6.69
C LYS A 261 -11.98 -6.78 -6.38
N LEU A 262 -11.29 -6.10 -7.28
CA LEU A 262 -11.00 -4.69 -7.03
C LEU A 262 -12.29 -3.88 -6.91
N LYS A 263 -13.26 -4.14 -7.76
CA LYS A 263 -14.52 -3.44 -7.71
C LYS A 263 -15.18 -3.63 -6.33
N ALA A 264 -15.13 -4.84 -5.80
CA ALA A 264 -15.74 -5.10 -4.50
C ALA A 264 -14.98 -4.40 -3.37
N GLN A 265 -13.70 -4.11 -3.57
CA GLN A 265 -12.89 -3.45 -2.57
CA GLN A 265 -12.89 -3.45 -2.57
C GLN A 265 -13.11 -1.95 -2.53
N ILE A 266 -13.59 -1.35 -3.61
CA ILE A 266 -13.69 0.12 -3.66
C ILE A 266 -14.53 0.70 -2.51
N PRO A 267 -15.68 0.12 -2.20
CA PRO A 267 -16.45 0.72 -1.10
C PRO A 267 -15.71 0.65 0.24
N LYS A 268 -14.87 -0.35 0.41
CA LYS A 268 -14.09 -0.51 1.63
C LYS A 268 -13.02 0.58 1.67
N MET A 269 -12.41 0.90 0.53
CA MET A 269 -11.46 2.01 0.44
C MET A 269 -12.12 3.31 0.83
N GLU A 270 -13.32 3.52 0.33
CA GLU A 270 -14.05 4.73 0.60
C GLU A 270 -14.33 4.87 2.09
N GLN A 271 -14.73 3.78 2.74
CA GLN A 271 -15.01 3.79 4.18
C GLN A 271 -13.79 4.14 5.05
N GLU A 272 -12.59 3.84 4.56
CA GLU A 272 -11.39 4.12 5.31
CA GLU A 272 -11.37 4.13 5.31
C GLU A 272 -11.25 5.62 5.60
N LEU A 273 -11.83 6.46 4.73
CA LEU A 273 -11.75 7.89 4.93
C LEU A 273 -12.41 8.37 6.21
N LYS A 274 -13.22 7.52 6.84
CA LYS A 274 -13.86 7.86 8.10
C LYS A 274 -13.00 7.54 9.33
N GLU A 275 -11.91 6.80 9.13
CA GLU A 275 -11.05 6.42 10.25
C GLU A 275 -10.08 7.56 10.60
N PRO A 276 -9.55 7.56 11.81
CA PRO A 276 -8.77 8.71 12.30
C PRO A 276 -7.59 9.06 11.39
N GLY A 277 -7.53 10.33 10.98
CA GLY A 277 -6.43 10.81 10.18
C GLY A 277 -6.46 10.46 8.70
N ARG A 278 -7.38 9.60 8.28
CA ARG A 278 -7.26 9.06 6.92
C ARG A 278 -7.73 10.06 5.86
N PHE A 279 -8.75 10.86 6.15
CA PHE A 279 -9.13 11.88 5.19
C PHE A 279 -7.97 12.89 5.02
N LYS A 280 -7.32 13.26 6.11
CA LYS A 280 -6.18 14.17 6.02
C LYS A 280 -5.07 13.54 5.17
N ASP A 281 -4.80 12.25 5.37
CA ASP A 281 -3.82 11.57 4.54
C ASP A 281 -4.17 11.63 3.06
N PHE A 282 -5.42 11.32 2.74
CA PHE A 282 -5.94 11.39 1.37
C PHE A 282 -5.83 12.79 0.80
N TYR A 283 -6.25 13.78 1.58
CA TYR A 283 -6.20 15.18 1.16
C TYR A 283 -4.78 15.61 0.85
N GLN A 284 -3.83 15.26 1.72
CA GLN A 284 -2.44 15.64 1.51
C GLN A 284 -1.83 14.90 0.33
N PHE A 285 -2.18 13.63 0.15
CA PHE A 285 -1.74 12.84 -0.98
C PHE A 285 -2.11 13.52 -2.28
N THR A 286 -3.30 14.11 -2.34
CA THR A 286 -3.83 14.69 -3.55
C THR A 286 -2.89 15.73 -4.13
N PHE A 287 -2.26 16.56 -3.29
CA PHE A 287 -1.36 17.60 -3.79
C PHE A 287 -0.23 16.99 -4.64
N ASN A 288 0.44 15.99 -4.09
CA ASN A 288 1.57 15.39 -4.78
C ASN A 288 1.14 14.74 -6.09
N PHE A 289 -0.02 14.11 -6.07
CA PHE A 289 -0.55 13.39 -7.21
C PHE A 289 -0.90 14.38 -8.34
N ALA A 290 -1.41 15.55 -7.97
CA ALA A 290 -1.91 16.54 -8.91
C ALA A 290 -0.82 17.36 -9.57
N LYS A 291 0.31 17.52 -8.88
CA LYS A 291 1.32 18.48 -9.28
C LYS A 291 2.13 17.90 -10.45
N ASN A 292 2.58 18.79 -11.33
CA ASN A 292 3.50 18.42 -12.40
C ASN A 292 4.80 17.94 -11.74
N PRO A 293 5.28 16.73 -12.07
CA PRO A 293 6.49 16.25 -11.41
C PRO A 293 7.70 17.18 -11.54
N GLY A 294 7.79 17.95 -12.63
CA GLY A 294 8.89 18.89 -12.81
C GLY A 294 8.78 20.16 -11.96
N GLN A 295 7.65 20.37 -11.29
CA GLN A 295 7.38 21.60 -10.54
C GLN A 295 7.38 21.32 -9.05
N LYS A 296 7.71 22.35 -8.25
CA LYS A 296 7.68 22.18 -6.80
C LYS A 296 6.30 22.46 -6.23
N GLY A 297 5.56 23.37 -6.86
CA GLY A 297 4.22 23.74 -6.44
C GLY A 297 3.17 23.30 -7.43
N LEU A 298 1.92 23.58 -7.10
CA LEU A 298 0.78 23.15 -7.85
C LEU A 298 0.17 24.38 -8.51
N ASP A 299 0.02 24.34 -9.84
CA ASP A 299 -0.63 25.44 -10.56
C ASP A 299 -2.00 25.71 -9.98
N LEU A 300 -2.31 26.99 -9.84
CA LEU A 300 -3.55 27.38 -9.21
C LEU A 300 -4.75 26.75 -9.89
N GLU A 301 -4.77 26.71 -11.22
CA GLU A 301 -5.93 26.14 -11.90
C GLU A 301 -6.10 24.66 -11.56
N MET A 302 -5.00 23.94 -11.47
CA MET A 302 -5.06 22.54 -11.12
C MET A 302 -5.49 22.36 -9.66
N ALA A 303 -4.98 23.21 -8.78
CA ALA A 303 -5.37 23.14 -7.37
C ALA A 303 -6.87 23.36 -7.23
N ILE A 304 -7.43 24.31 -7.96
CA ILE A 304 -8.87 24.57 -7.90
C ILE A 304 -9.67 23.31 -8.30
N ALA A 305 -9.25 22.69 -9.39
CA ALA A 305 -9.96 21.52 -9.86
C ALA A 305 -9.96 20.42 -8.79
N TYR A 306 -8.82 20.16 -8.19
CA TYR A 306 -8.75 19.12 -7.18
C TYR A 306 -9.44 19.53 -5.86
N TRP A 307 -9.33 20.80 -5.45
CA TRP A 307 -10.08 21.27 -4.28
C TRP A 307 -11.58 21.06 -4.49
N ASN A 308 -12.07 21.34 -5.68
CA ASN A 308 -13.50 21.19 -5.93
C ASN A 308 -13.95 19.74 -5.89
N LEU A 309 -13.06 18.80 -6.23
CA LEU A 309 -13.40 17.41 -6.11
C LEU A 309 -13.34 16.94 -4.64
N VAL A 310 -12.26 17.27 -3.94
CA VAL A 310 -12.04 16.67 -2.63
C VAL A 310 -12.72 17.38 -1.47
N LEU A 311 -13.00 18.67 -1.62
CA LEU A 311 -13.58 19.46 -0.52
C LEU A 311 -15.07 19.78 -0.68
N ASN A 312 -15.67 19.42 -1.81
CA ASN A 312 -17.07 19.78 -2.01
C ASN A 312 -17.92 19.04 -0.96
N GLY A 313 -18.73 19.79 -0.24
CA GLY A 313 -19.52 19.22 0.83
C GLY A 313 -18.81 19.05 2.16
N ARG A 314 -17.54 19.43 2.20
CA ARG A 314 -16.75 19.38 3.43
C ARG A 314 -16.32 20.78 3.88
N PHE A 315 -15.94 21.61 2.94
CA PHE A 315 -15.47 22.96 3.21
C PHE A 315 -16.62 23.91 2.93
N LYS A 316 -17.16 24.47 4.01
CA LYS A 316 -18.40 25.22 3.91
C LYS A 316 -18.23 26.50 3.10
N PHE A 317 -17.01 26.97 2.91
CA PHE A 317 -16.73 28.18 2.15
C PHE A 317 -16.15 27.89 0.77
N LEU A 318 -16.31 26.68 0.25
CA LEU A 318 -15.73 26.34 -1.03
C LEU A 318 -16.19 27.24 -2.16
N ASP A 319 -17.47 27.54 -2.24
CA ASP A 319 -17.91 28.39 -3.34
C ASP A 319 -17.27 29.80 -3.26
N LEU A 320 -17.19 30.39 -2.07
CA LEU A 320 -16.53 31.69 -1.88
C LEU A 320 -15.03 31.60 -2.18
N TRP A 321 -14.41 30.47 -1.86
CA TRP A 321 -13.00 30.22 -2.17
C TRP A 321 -12.79 30.26 -3.67
N ASN A 322 -13.68 29.60 -4.42
CA ASN A 322 -13.61 29.70 -5.88
C ASN A 322 -13.74 31.14 -6.37
N LYS A 323 -14.71 31.88 -5.86
CA LYS A 323 -14.89 33.25 -6.28
C LYS A 323 -13.63 34.07 -6.01
N PHE A 324 -13.05 33.90 -4.83
CA PHE A 324 -11.81 34.58 -4.42
C PHE A 324 -10.69 34.28 -5.40
N LEU A 325 -10.49 33.00 -5.71
CA LEU A 325 -9.36 32.60 -6.52
C LEU A 325 -9.52 32.99 -7.98
N LEU A 326 -10.74 33.10 -8.46
CA LEU A 326 -10.90 33.43 -9.87
C LEU A 326 -10.45 34.85 -10.14
N GLU A 327 -10.39 35.66 -9.08
CA GLU A 327 -9.83 37.01 -9.17
C GLU A 327 -8.31 37.06 -9.08
N HIS A 328 -7.69 35.93 -8.71
CA HIS A 328 -6.29 35.93 -8.32
C HIS A 328 -5.36 35.74 -9.51
N HIS A 329 -4.12 36.18 -9.34
CA HIS A 329 -3.09 35.99 -10.35
C HIS A 329 -2.54 34.57 -10.29
N LYS A 330 -2.04 34.09 -11.43
CA LYS A 330 -1.42 32.77 -11.51
C LYS A 330 -0.29 32.63 -10.52
N ARG A 331 -0.29 31.51 -9.80
CA ARG A 331 0.76 31.22 -8.82
C ARG A 331 0.87 29.72 -8.63
N SER A 332 2.05 29.25 -8.23
CA SER A 332 2.18 27.88 -7.78
C SER A 332 1.76 27.87 -6.31
N ILE A 333 0.77 27.04 -5.96
CA ILE A 333 0.33 26.78 -4.58
C ILE A 333 1.36 25.86 -3.95
N PRO A 334 2.07 26.29 -2.89
CA PRO A 334 3.04 25.38 -2.28
C PRO A 334 2.33 24.35 -1.41
N LYS A 335 3.01 23.26 -1.10
CA LYS A 335 2.44 22.19 -0.30
C LYS A 335 1.87 22.69 1.02
N ASP A 336 2.61 23.56 1.69
CA ASP A 336 2.15 24.03 2.98
C ASP A 336 0.80 24.78 2.89
N THR A 337 0.59 25.57 1.85
CA THR A 337 -0.67 26.26 1.68
C THR A 337 -1.80 25.28 1.42
N TRP A 338 -1.56 24.30 0.54
CA TRP A 338 -2.53 23.24 0.33
C TRP A 338 -2.89 22.58 1.66
N ASN A 339 -1.88 22.15 2.40
CA ASN A 339 -2.16 21.40 3.62
C ASN A 339 -2.96 22.24 4.61
N LEU A 340 -2.61 23.52 4.78
CA LEU A 340 -3.25 24.35 5.78
CA LEU A 340 -3.25 24.34 5.79
C LEU A 340 -4.69 24.71 5.43
N LEU A 341 -5.09 24.64 4.17
CA LEU A 341 -6.48 24.91 3.88
C LEU A 341 -7.42 23.93 4.61
N LEU A 342 -7.01 22.67 4.74
CA LEU A 342 -7.86 21.72 5.47
C LEU A 342 -7.95 22.11 6.93
N ASP A 343 -6.84 22.52 7.53
CA ASP A 343 -6.89 22.95 8.93
C ASP A 343 -7.76 24.16 9.11
N PHE A 344 -7.72 25.08 8.15
CA PHE A 344 -8.59 26.26 8.16
C PHE A 344 -10.06 25.82 8.12
N SER A 345 -10.38 24.94 7.19
CA SER A 345 -11.73 24.43 7.05
CA SER A 345 -11.74 24.45 7.05
C SER A 345 -12.24 23.80 8.33
N THR A 346 -11.38 23.05 9.00
CA THR A 346 -11.77 22.37 10.23
C THR A 346 -12.06 23.34 11.39
N MET A 347 -11.26 24.39 11.51
CA MET A 347 -11.37 25.25 12.70
C MET A 347 -12.36 26.38 12.53
N ILE A 348 -12.63 26.80 11.29
CA ILE A 348 -13.27 28.09 11.10
C ILE A 348 -14.76 28.07 11.45
N ALA A 349 -15.21 29.11 12.13
CA ALA A 349 -16.60 29.25 12.50
C ALA A 349 -17.44 29.52 11.25
N ASP A 350 -18.73 29.23 11.35
CA ASP A 350 -19.64 29.46 10.25
C ASP A 350 -19.67 30.92 9.76
N ASP A 351 -19.35 31.85 10.64
CA ASP A 351 -19.31 33.26 10.24
C ASP A 351 -17.87 33.83 10.20
N MET A 352 -16.88 32.94 10.24
CA MET A 352 -15.44 33.32 10.24
C MET A 352 -15.01 34.16 11.42
N SER A 353 -15.83 34.21 12.46
CA SER A 353 -15.56 35.13 13.55
C SER A 353 -14.41 34.73 14.49
N ASN A 354 -13.89 33.53 14.33
CA ASN A 354 -12.83 33.02 15.19
C ASN A 354 -11.50 32.87 14.48
N TYR A 355 -11.33 33.53 13.34
CA TYR A 355 -10.04 33.46 12.65
C TYR A 355 -8.94 34.20 13.45
N ASP A 356 -7.81 33.55 13.60
CA ASP A 356 -6.65 34.15 14.27
C ASP A 356 -5.64 34.62 13.22
N GLU A 357 -5.62 35.93 12.97
CA GLU A 357 -4.72 36.53 11.99
C GLU A 357 -3.25 36.31 12.34
N GLU A 358 -2.95 36.04 13.61
CA GLU A 358 -1.57 35.75 14.05
C GLU A 358 -1.24 34.25 14.03
N GLY A 359 -2.07 33.42 13.39
CA GLY A 359 -1.85 31.99 13.37
C GLY A 359 -0.89 31.45 12.33
N ALA A 360 -0.21 32.35 11.63
CA ALA A 360 0.77 31.96 10.61
C ALA A 360 0.11 31.13 9.51
N TRP A 361 -1.14 31.43 9.22
CA TRP A 361 -1.80 30.93 8.02
C TRP A 361 -1.10 31.49 6.80
N PRO A 362 -1.23 30.83 5.65
CA PRO A 362 -0.71 31.43 4.42
C PRO A 362 -1.35 32.82 4.18
N VAL A 363 -0.60 33.72 3.57
CA VAL A 363 -1.16 35.00 3.14
C VAL A 363 -2.44 34.79 2.33
N LEU A 364 -2.46 33.75 1.49
CA LEU A 364 -3.62 33.49 0.67
C LEU A 364 -4.89 33.36 1.53
N ILE A 365 -4.79 32.67 2.66
CA ILE A 365 -5.91 32.48 3.56
C ILE A 365 -6.23 33.76 4.34
N ASP A 366 -5.20 34.50 4.76
CA ASP A 366 -5.46 35.80 5.36
C ASP A 366 -6.28 36.68 4.41
N ASP A 367 -5.84 36.73 3.15
CA ASP A 367 -6.52 37.52 2.15
C ASP A 367 -7.94 37.01 1.89
N PHE A 368 -8.11 35.69 1.88
CA PHE A 368 -9.45 35.12 1.71
C PHE A 368 -10.40 35.57 2.81
N VAL A 369 -9.95 35.54 4.07
CA VAL A 369 -10.84 35.90 5.18
C VAL A 369 -11.27 37.36 5.01
N GLU A 370 -10.35 38.24 4.60
CA GLU A 370 -10.72 39.64 4.38
C GLU A 370 -11.73 39.78 3.24
N PHE A 371 -11.57 38.97 2.20
CA PHE A 371 -12.49 38.97 1.08
C PHE A 371 -13.86 38.42 1.48
N ALA A 372 -13.89 37.40 2.31
CA ALA A 372 -15.12 36.65 2.56
C ALA A 372 -15.99 37.19 3.70
N ARG A 373 -15.37 37.61 4.79
CA ARG A 373 -16.14 38.09 5.94
C ARG A 373 -17.36 38.98 5.62
N PRO A 374 -17.24 39.91 4.66
CA PRO A 374 -18.42 40.71 4.31
C PRO A 374 -19.47 40.05 3.41
N GLN A 375 -19.08 39.18 2.46
CA GLN A 375 -20.06 38.37 1.71
C GLN A 375 -20.90 37.53 2.70
#